data_1QN5
#
_entry.id   1QN5
#
_cell.length_a   41.800
_cell.length_b   146.700
_cell.length_c   57.400
_cell.angle_alpha   90.00
_cell.angle_beta   90.50
_cell.angle_gamma   90.00
#
_symmetry.space_group_name_H-M   'P 1 21 1'
#
loop_
_entity.id
_entity.type
_entity.pdbx_description
1 polymer 'TRANSCRIPTION INITIATION FACTOR TFIID-1'
2 polymer "DNA (5'-D(*GP*CP*TP*AP*TP*AP*AP*GP*AP*GP*GP*GP*CP*A)-3')"
3 polymer "DNA (5'-D(*TP*GP*CP*CP*CP*TP*CP*TP*TP*AP*TP*AP*GP*C)-3')"
4 water water
#
loop_
_entity_poly.entity_id
_entity_poly.type
_entity_poly.pdbx_seq_one_letter_code
_entity_poly.pdbx_strand_id
1 'polypeptide(L)'
;MTDQGLEGSNPVDLSKHPSGIVPTLQNIVSTVNLDCKLDLKAIALQARNAEYNPKRFAAVIMRIREPKTTALIFASGKMV
CTGAKSEDFSKMAARKYARIVQKLGFPAKFKDFKIQNIVGSCDVKFPIRLEGLAYSHAAFSSYEPELFPGLIYRMKVPKI
VLLIFVSGKIVITGAKMRDETYKAFENIYPVLSEFRKIQQ
;
A,B
2 'polydeoxyribonucleotide' (DG)(DC)(DT)(DA)(DT)(DA)(DA)(DG)(DA)(DG)(DG)(DG)(DC)(DA) C,E
3 'polydeoxyribonucleotide' (DT)(DG)(DC)(DC)(DC)(DT)(DC)(DT)(DT)(DA)(DT)(DA)(DG)(DC) D,F
#
# COMPACT_ATOMS: atom_id res chain seq x y z
N LYS A 16 4.97 -8.49 7.23
CA LYS A 16 4.16 -8.21 8.46
C LYS A 16 3.60 -6.80 8.39
N HIS A 17 4.39 -5.88 7.84
CA HIS A 17 3.96 -4.48 7.69
C HIS A 17 4.26 -4.02 6.27
N PRO A 18 3.51 -4.54 5.29
CA PRO A 18 3.64 -4.24 3.85
C PRO A 18 3.71 -2.76 3.53
N SER A 19 2.99 -1.95 4.30
CA SER A 19 2.96 -0.51 4.10
C SER A 19 4.30 0.10 4.45
N GLY A 20 5.05 -0.60 5.29
CA GLY A 20 6.35 -0.13 5.74
C GLY A 20 6.17 0.83 6.90
N ILE A 21 4.94 0.91 7.41
CA ILE A 21 4.61 1.80 8.52
C ILE A 21 4.09 0.95 9.67
N VAL A 22 4.61 1.18 10.86
CA VAL A 22 4.17 0.43 12.03
C VAL A 22 3.52 1.36 13.04
N PRO A 23 2.18 1.22 13.24
CA PRO A 23 1.48 2.05 14.20
C PRO A 23 2.22 2.06 15.56
N THR A 24 2.33 3.22 16.17
CA THR A 24 2.98 3.39 17.47
C THR A 24 1.93 3.18 18.56
N LEU A 25 2.18 2.29 19.52
CA LEU A 25 1.20 2.08 20.58
C LEU A 25 1.28 3.29 21.51
N GLN A 26 0.13 3.87 21.84
CA GLN A 26 0.07 5.08 22.65
C GLN A 26 -0.58 4.97 24.03
N ASN A 27 -1.51 4.04 24.17
CA ASN A 27 -2.22 3.88 25.43
C ASN A 27 -2.73 2.44 25.54
N ILE A 28 -2.55 1.84 26.71
CA ILE A 28 -3.02 0.48 26.95
C ILE A 28 -3.88 0.55 28.19
N VAL A 29 -5.02 -0.13 28.16
CA VAL A 29 -5.94 -0.20 29.29
C VAL A 29 -6.00 -1.68 29.68
N SER A 30 -5.69 -1.98 30.93
CA SER A 30 -5.73 -3.36 31.41
C SER A 30 -6.50 -3.42 32.72
N THR A 31 -6.93 -4.61 33.10
CA THR A 31 -7.65 -4.83 34.35
C THR A 31 -7.05 -6.05 35.02
N VAL A 32 -7.14 -6.08 36.35
CA VAL A 32 -6.66 -7.21 37.14
C VAL A 32 -7.53 -7.30 38.39
N ASN A 33 -7.62 -8.51 38.92
CA ASN A 33 -8.40 -8.81 40.11
C ASN A 33 -7.46 -9.03 41.27
N LEU A 34 -7.45 -8.10 42.22
CA LEU A 34 -6.57 -8.22 43.39
C LEU A 34 -7.07 -9.35 44.29
N ASP A 35 -8.30 -9.78 44.05
CA ASP A 35 -8.91 -10.88 44.77
C ASP A 35 -9.00 -10.74 46.30
N CYS A 36 -9.53 -9.60 46.75
CA CYS A 36 -9.73 -9.30 48.16
C CYS A 36 -10.39 -7.95 48.24
N LYS A 37 -11.34 -7.78 49.15
CA LYS A 37 -12.03 -6.49 49.29
C LYS A 37 -11.05 -5.46 49.79
N LEU A 38 -11.23 -4.22 49.36
CA LEU A 38 -10.34 -3.14 49.74
C LEU A 38 -11.11 -2.06 50.45
N ASP A 39 -10.43 -1.39 51.39
CA ASP A 39 -11.01 -0.30 52.16
C ASP A 39 -10.46 0.93 51.49
N LEU A 40 -11.28 1.59 50.68
CA LEU A 40 -10.82 2.76 49.94
C LEU A 40 -10.41 3.99 50.76
N LYS A 41 -11.07 4.21 51.90
CA LYS A 41 -10.68 5.35 52.75
C LYS A 41 -9.34 5.08 53.38
N ALA A 42 -9.12 3.85 53.83
CA ALA A 42 -7.85 3.49 54.45
C ALA A 42 -6.73 3.68 53.45
N ILE A 43 -6.99 3.32 52.20
CA ILE A 43 -5.99 3.46 51.14
C ILE A 43 -5.69 4.92 50.80
N ALA A 44 -6.74 5.72 50.66
CA ALA A 44 -6.61 7.14 50.34
C ALA A 44 -5.93 7.89 51.47
N LEU A 45 -6.08 7.37 52.69
CA LEU A 45 -5.47 8.00 53.85
C LEU A 45 -4.00 7.62 54.03
N GLN A 46 -3.71 6.34 53.87
CA GLN A 46 -2.35 5.83 54.02
C GLN A 46 -1.42 6.15 52.86
N ALA A 47 -1.89 5.96 51.64
CA ALA A 47 -1.07 6.23 50.46
C ALA A 47 -1.28 7.66 49.98
N ARG A 48 -0.21 8.47 50.02
CA ARG A 48 -0.27 9.88 49.59
C ARG A 48 -0.51 9.98 48.09
N ASN A 49 -0.07 8.94 47.41
CA ASN A 49 -0.18 8.79 45.96
C ASN A 49 -1.64 8.77 45.47
N ALA A 50 -2.56 8.43 46.37
CA ALA A 50 -3.98 8.30 46.04
C ALA A 50 -4.91 9.50 46.19
N GLU A 51 -6.05 9.43 45.50
CA GLU A 51 -7.09 10.45 45.54
C GLU A 51 -8.39 9.67 45.62
N TYR A 52 -9.30 10.07 46.50
CA TYR A 52 -10.56 9.35 46.63
C TYR A 52 -11.71 10.34 46.80
N ASN A 53 -12.65 10.26 45.87
CA ASN A 53 -13.80 11.15 45.87
C ASN A 53 -15.05 10.32 45.56
N PRO A 54 -15.58 9.61 46.58
CA PRO A 54 -16.77 8.75 46.49
C PRO A 54 -17.98 9.36 45.77
N LYS A 55 -18.26 10.63 46.03
CA LYS A 55 -19.40 11.30 45.40
C LYS A 55 -19.19 11.58 43.92
N ARG A 56 -17.95 11.46 43.45
CA ARG A 56 -17.67 11.70 42.05
C ARG A 56 -17.46 10.38 41.32
N PHE A 57 -16.68 9.49 41.94
CA PHE A 57 -16.39 8.20 41.32
C PHE A 57 -16.01 7.18 42.38
N ALA A 58 -16.52 5.96 42.20
CA ALA A 58 -16.30 4.87 43.15
C ALA A 58 -14.87 4.33 43.24
N ALA A 59 -13.87 5.04 42.72
CA ALA A 59 -12.53 4.48 42.77
C ALA A 59 -11.47 5.36 43.40
N VAL A 60 -10.42 4.71 43.88
CA VAL A 60 -9.26 5.43 44.42
C VAL A 60 -8.39 5.58 43.16
N ILE A 61 -7.97 6.81 42.88
CA ILE A 61 -7.13 7.08 41.73
C ILE A 61 -5.72 7.23 42.25
N MET A 62 -4.82 6.43 41.70
CA MET A 62 -3.42 6.40 42.11
C MET A 62 -2.52 6.45 40.88
N ARG A 63 -1.34 7.05 40.99
CA ARG A 63 -0.44 7.14 39.83
C ARG A 63 1.02 6.85 40.17
N ILE A 64 1.77 6.33 39.21
CA ILE A 64 3.20 6.08 39.38
C ILE A 64 3.95 6.70 38.19
N ARG A 65 5.22 7.02 38.39
CA ARG A 65 6.04 7.63 37.35
C ARG A 65 6.56 6.68 36.27
N GLU A 66 6.92 5.46 36.66
CA GLU A 66 7.47 4.49 35.71
C GLU A 66 6.96 3.09 35.99
N PRO A 67 6.21 2.50 35.04
CA PRO A 67 5.83 3.11 33.77
C PRO A 67 4.76 4.15 34.09
N LYS A 68 4.80 5.29 33.43
CA LYS A 68 3.83 6.36 33.71
C LYS A 68 2.42 5.88 33.42
N THR A 69 1.66 5.64 34.50
CA THR A 69 0.30 5.13 34.40
C THR A 69 -0.60 5.68 35.50
N THR A 70 -1.90 5.46 35.36
CA THR A 70 -2.91 5.86 36.33
C THR A 70 -3.81 4.65 36.59
N ALA A 71 -4.00 4.31 37.85
CA ALA A 71 -4.84 3.18 38.24
C ALA A 71 -6.12 3.66 38.90
N LEU A 72 -7.19 2.90 38.69
CA LEU A 72 -8.49 3.19 39.29
C LEU A 72 -8.68 1.93 40.14
N ILE A 73 -8.69 2.10 41.45
CA ILE A 73 -8.80 0.99 42.40
C ILE A 73 -10.17 0.97 43.07
N PHE A 74 -10.84 -0.18 42.96
CA PHE A 74 -12.18 -0.33 43.52
C PHE A 74 -12.25 -1.21 44.76
N ALA A 75 -13.27 -0.97 45.58
CA ALA A 75 -13.50 -1.70 46.83
C ALA A 75 -13.59 -3.21 46.61
N SER A 76 -14.09 -3.59 45.44
CA SER A 76 -14.24 -4.98 45.08
C SER A 76 -12.91 -5.71 44.91
N GLY A 77 -11.83 -4.95 44.80
CA GLY A 77 -10.52 -5.56 44.59
C GLY A 77 -10.16 -5.51 43.12
N LYS A 78 -11.10 -5.07 42.29
CA LYS A 78 -10.83 -4.96 40.86
C LYS A 78 -10.01 -3.68 40.64
N MET A 79 -9.18 -3.68 39.59
CA MET A 79 -8.34 -2.53 39.28
C MET A 79 -8.15 -2.32 37.78
N VAL A 80 -8.25 -1.06 37.35
CA VAL A 80 -8.06 -0.69 35.95
C VAL A 80 -6.74 0.07 35.89
N CYS A 81 -5.91 -0.24 34.90
CA CYS A 81 -4.61 0.42 34.71
C CYS A 81 -4.60 1.10 33.33
N THR A 82 -4.30 2.39 33.30
CA THR A 82 -4.30 3.13 32.05
C THR A 82 -3.02 3.91 31.83
N GLY A 83 -2.78 4.30 30.58
CA GLY A 83 -1.63 5.12 30.25
C GLY A 83 -0.34 4.50 29.76
N ALA A 84 -0.15 3.19 29.98
CA ALA A 84 1.07 2.53 29.53
C ALA A 84 1.23 2.55 28.02
N LYS A 85 2.48 2.47 27.57
CA LYS A 85 2.80 2.48 26.15
C LYS A 85 2.90 1.11 25.51
N SER A 86 2.78 0.06 26.32
CA SER A 86 2.84 -1.30 25.81
C SER A 86 2.13 -2.22 26.78
N GLU A 87 1.85 -3.43 26.32
CA GLU A 87 1.16 -4.47 27.11
C GLU A 87 2.01 -4.88 28.30
N ASP A 88 3.31 -5.05 28.08
CA ASP A 88 4.23 -5.42 29.15
C ASP A 88 4.31 -4.32 30.21
N PHE A 89 4.41 -3.08 29.75
CA PHE A 89 4.47 -1.91 30.64
C PHE A 89 3.21 -1.82 31.46
N SER A 90 2.07 -2.10 30.83
CA SER A 90 0.80 -2.05 31.53
C SER A 90 0.75 -3.10 32.66
N LYS A 91 1.15 -4.34 32.36
CA LYS A 91 1.15 -5.42 33.36
C LYS A 91 2.15 -5.12 34.48
N MET A 92 3.29 -4.57 34.09
CA MET A 92 4.36 -4.19 35.00
C MET A 92 3.85 -3.11 35.95
N ALA A 93 3.12 -2.14 35.42
CA ALA A 93 2.56 -1.06 36.23
C ALA A 93 1.47 -1.62 37.17
N ALA A 94 0.63 -2.51 36.65
CA ALA A 94 -0.43 -3.14 37.44
C ALA A 94 0.14 -3.87 38.65
N ARG A 95 1.24 -4.59 38.43
CA ARG A 95 1.93 -5.34 39.47
C ARG A 95 2.47 -4.44 40.57
N LYS A 96 2.97 -3.27 40.20
CA LYS A 96 3.49 -2.30 41.16
C LYS A 96 2.35 -1.79 42.03
N TYR A 97 1.24 -1.42 41.40
CA TYR A 97 0.07 -0.94 42.14
C TYR A 97 -0.38 -2.05 43.08
N ALA A 98 -0.36 -3.30 42.61
CA ALA A 98 -0.76 -4.45 43.43
C ALA A 98 0.16 -4.55 44.64
N ARG A 99 1.44 -4.26 44.46
CA ARG A 99 2.41 -4.31 45.55
C ARG A 99 2.18 -3.16 46.55
N ILE A 100 1.87 -1.97 46.03
CA ILE A 100 1.59 -0.80 46.88
C ILE A 100 0.41 -1.16 47.80
N VAL A 101 -0.59 -1.83 47.24
CA VAL A 101 -1.76 -2.23 48.00
C VAL A 101 -1.40 -3.28 49.05
N GLN A 102 -0.57 -4.25 48.65
CA GLN A 102 -0.13 -5.31 49.56
C GLN A 102 0.54 -4.66 50.75
N LYS A 103 1.49 -3.77 50.48
CA LYS A 103 2.22 -3.08 51.52
C LYS A 103 1.33 -2.22 52.41
N LEU A 104 0.15 -1.89 51.92
CA LEU A 104 -0.78 -1.06 52.68
C LEU A 104 -1.59 -1.94 53.64
N GLY A 105 -1.35 -3.24 53.59
CA GLY A 105 -2.04 -4.16 54.49
C GLY A 105 -3.21 -4.95 53.96
N PHE A 106 -3.23 -5.26 52.67
CA PHE A 106 -4.33 -6.04 52.10
C PHE A 106 -3.73 -7.24 51.39
N PRO A 107 -4.36 -8.43 51.52
CA PRO A 107 -3.84 -9.64 50.87
C PRO A 107 -4.11 -9.62 49.36
N ALA A 108 -3.47 -8.67 48.68
CA ALA A 108 -3.64 -8.51 47.24
C ALA A 108 -2.90 -9.55 46.40
N LYS A 109 -3.65 -10.18 45.48
CA LYS A 109 -3.13 -11.18 44.55
C LYS A 109 -3.03 -10.51 43.19
N PHE A 110 -3.06 -11.29 42.12
CA PHE A 110 -2.97 -10.74 40.75
C PHE A 110 -3.69 -11.71 39.84
N LYS A 111 -5.01 -11.74 39.99
CA LYS A 111 -5.85 -12.65 39.24
C LYS A 111 -6.50 -12.11 37.97
N ASP A 112 -6.46 -12.91 36.92
CA ASP A 112 -7.09 -12.57 35.65
C ASP A 112 -6.62 -11.27 34.99
N PHE A 113 -5.32 -10.99 35.02
CA PHE A 113 -4.81 -9.80 34.37
C PHE A 113 -5.24 -9.88 32.90
N LYS A 114 -5.75 -8.78 32.37
CA LYS A 114 -6.20 -8.77 30.98
C LYS A 114 -6.04 -7.42 30.29
N ILE A 115 -5.56 -7.44 29.04
CA ILE A 115 -5.41 -6.23 28.23
C ILE A 115 -6.79 -5.99 27.64
N GLN A 116 -7.39 -4.85 27.98
CA GLN A 116 -8.73 -4.51 27.53
C GLN A 116 -8.85 -3.62 26.30
N ASN A 117 -7.86 -2.76 26.07
CA ASN A 117 -7.90 -1.87 24.92
C ASN A 117 -6.50 -1.37 24.61
N ILE A 118 -6.20 -1.26 23.32
CA ILE A 118 -4.92 -0.78 22.86
C ILE A 118 -5.22 0.33 21.86
N VAL A 119 -4.57 1.48 22.04
CA VAL A 119 -4.74 2.63 21.16
C VAL A 119 -3.42 2.88 20.45
N GLY A 120 -3.46 2.96 19.14
CA GLY A 120 -2.23 3.21 18.41
C GLY A 120 -2.42 4.35 17.44
N SER A 121 -1.33 4.89 16.90
CA SER A 121 -1.42 5.98 15.96
C SER A 121 -0.26 5.97 14.97
N CYS A 122 -0.51 6.49 13.78
CA CYS A 122 0.54 6.57 12.77
C CYS A 122 0.29 7.70 11.81
N ASP A 123 1.25 7.92 10.92
CA ASP A 123 1.19 9.02 9.96
C ASP A 123 1.53 8.48 8.59
N VAL A 124 0.59 8.56 7.65
CA VAL A 124 0.86 8.07 6.30
C VAL A 124 1.59 9.09 5.43
N LYS A 125 1.76 10.29 5.98
CA LYS A 125 2.48 11.36 5.33
C LYS A 125 1.93 11.88 4.01
N PHE A 126 0.61 11.84 3.88
CA PHE A 126 -0.08 12.39 2.72
C PHE A 126 -1.49 12.73 3.16
N PRO A 127 -2.04 13.84 2.66
CA PRO A 127 -3.39 14.26 3.02
C PRO A 127 -4.46 13.35 2.43
N ILE A 128 -5.62 13.28 3.09
CA ILE A 128 -6.71 12.41 2.68
C ILE A 128 -7.96 13.21 2.34
N ARG A 129 -8.67 12.75 1.30
CA ARG A 129 -9.94 13.35 0.88
C ARG A 129 -11.00 12.61 1.68
N LEU A 130 -11.25 13.09 2.89
CA LEU A 130 -12.18 12.44 3.80
C LEU A 130 -13.59 12.25 3.28
N GLU A 131 -14.17 13.28 2.67
CA GLU A 131 -15.52 13.16 2.15
C GLU A 131 -15.64 12.08 1.06
N GLY A 132 -14.63 11.98 0.21
CA GLY A 132 -14.63 10.96 -0.83
C GLY A 132 -14.49 9.58 -0.23
N LEU A 133 -13.67 9.45 0.82
CA LEU A 133 -13.50 8.16 1.48
C LEU A 133 -14.81 7.78 2.17
N ALA A 134 -15.45 8.75 2.82
CA ALA A 134 -16.70 8.50 3.52
C ALA A 134 -17.78 8.01 2.55
N TYR A 135 -17.92 8.72 1.43
CA TYR A 135 -18.90 8.39 0.40
C TYR A 135 -18.76 6.98 -0.14
N SER A 136 -17.54 6.58 -0.47
CA SER A 136 -17.31 5.25 -1.01
C SER A 136 -17.41 4.13 0.04
N HIS A 137 -17.46 4.51 1.32
CA HIS A 137 -17.55 3.54 2.42
C HIS A 137 -18.59 3.98 3.43
N ALA A 138 -19.75 4.38 2.95
CA ALA A 138 -20.83 4.86 3.80
C ALA A 138 -21.21 3.95 4.96
N ALA A 139 -21.15 2.64 4.75
CA ALA A 139 -21.51 1.68 5.79
C ALA A 139 -20.49 1.58 6.93
N PHE A 140 -19.29 2.11 6.72
CA PHE A 140 -18.24 2.05 7.73
C PHE A 140 -17.87 3.42 8.27
N SER A 141 -18.22 4.46 7.54
CA SER A 141 -17.84 5.81 7.88
C SER A 141 -18.87 6.74 8.49
N SER A 142 -18.36 7.66 9.29
CA SER A 142 -19.13 8.71 9.92
C SER A 142 -18.23 9.93 9.79
N TYR A 143 -18.59 10.86 8.93
CA TYR A 143 -17.81 12.06 8.73
C TYR A 143 -18.70 13.30 8.80
N GLU A 144 -18.61 14.01 9.92
CA GLU A 144 -19.36 15.24 10.13
C GLU A 144 -18.33 16.22 10.67
N PRO A 145 -17.53 16.83 9.78
CA PRO A 145 -16.49 17.79 10.12
C PRO A 145 -16.89 18.92 11.07
N GLU A 146 -18.14 19.36 10.98
CA GLU A 146 -18.60 20.43 11.85
C GLU A 146 -18.70 19.97 13.28
N LEU A 147 -18.83 18.66 13.47
CA LEU A 147 -18.93 18.06 14.79
C LEU A 147 -17.53 17.64 15.26
N PHE A 148 -16.85 16.83 14.46
CA PHE A 148 -15.51 16.35 14.76
C PHE A 148 -14.80 16.32 13.40
N PRO A 149 -13.59 16.90 13.32
CA PRO A 149 -12.79 16.96 12.09
C PRO A 149 -12.27 15.62 11.52
N GLY A 150 -12.25 14.57 12.32
CA GLY A 150 -11.79 13.28 11.84
C GLY A 150 -12.94 12.40 11.39
N LEU A 151 -12.67 11.51 10.46
CA LEU A 151 -13.66 10.57 9.96
C LEU A 151 -13.60 9.33 10.85
N ILE A 152 -14.77 8.88 11.31
CA ILE A 152 -14.89 7.71 12.17
C ILE A 152 -15.11 6.49 11.29
N TYR A 153 -14.13 5.59 11.25
CA TYR A 153 -14.24 4.39 10.44
C TYR A 153 -14.33 3.17 11.33
N ARG A 154 -15.49 2.54 11.33
CA ARG A 154 -15.71 1.36 12.14
C ARG A 154 -15.48 0.12 11.31
N MET A 155 -14.24 -0.36 11.35
CA MET A 155 -13.85 -1.55 10.60
C MET A 155 -14.46 -2.79 11.23
N LYS A 156 -15.01 -3.66 10.39
CA LYS A 156 -15.64 -4.87 10.90
C LYS A 156 -14.69 -6.04 11.12
N VAL A 157 -13.68 -6.16 10.25
CA VAL A 157 -12.70 -7.24 10.37
C VAL A 157 -11.29 -6.69 10.21
N PRO A 158 -10.55 -6.55 11.33
CA PRO A 158 -11.02 -6.87 12.69
C PRO A 158 -11.95 -5.76 13.19
N LYS A 159 -12.67 -6.02 14.29
CA LYS A 159 -13.60 -5.02 14.82
C LYS A 159 -12.78 -3.91 15.49
N ILE A 160 -12.43 -2.90 14.69
CA ILE A 160 -11.60 -1.80 15.14
C ILE A 160 -12.11 -0.45 14.63
N VAL A 161 -11.92 0.60 15.43
CA VAL A 161 -12.33 1.94 15.04
C VAL A 161 -11.11 2.81 14.71
N LEU A 162 -11.11 3.39 13.53
CA LEU A 162 -10.00 4.24 13.10
C LEU A 162 -10.50 5.66 12.94
N LEU A 163 -9.71 6.61 13.39
CA LEU A 163 -10.07 8.01 13.26
C LEU A 163 -9.07 8.49 12.24
N ILE A 164 -9.60 8.91 11.09
CA ILE A 164 -8.79 9.34 9.95
C ILE A 164 -8.90 10.86 9.73
N PHE A 165 -7.77 11.54 9.73
CA PHE A 165 -7.76 12.98 9.56
C PHE A 165 -7.21 13.44 8.22
N VAL A 166 -7.52 14.67 7.84
CA VAL A 166 -7.07 15.22 6.56
C VAL A 166 -5.55 15.19 6.42
N SER A 167 -4.86 15.37 7.54
CA SER A 167 -3.41 15.38 7.59
C SER A 167 -2.73 14.06 7.26
N GLY A 168 -3.47 12.96 7.35
CA GLY A 168 -2.87 11.66 7.10
C GLY A 168 -2.53 10.98 8.43
N LYS A 169 -2.82 11.68 9.53
CA LYS A 169 -2.62 11.16 10.88
C LYS A 169 -3.79 10.21 11.13
N ILE A 170 -3.50 9.08 11.77
CA ILE A 170 -4.50 8.05 12.02
C ILE A 170 -4.43 7.52 13.46
N VAL A 171 -5.58 7.40 14.10
CA VAL A 171 -5.66 6.84 15.44
C VAL A 171 -6.44 5.54 15.23
N ILE A 172 -5.97 4.46 15.86
CA ILE A 172 -6.60 3.14 15.74
C ILE A 172 -6.87 2.67 17.17
N THR A 173 -8.14 2.43 17.50
CA THR A 173 -8.47 2.01 18.85
C THR A 173 -9.49 0.85 18.91
N GLY A 174 -9.56 0.21 20.07
CA GLY A 174 -10.47 -0.89 20.27
C GLY A 174 -9.83 -2.27 20.28
N ALA A 175 -8.56 -2.36 19.96
CA ALA A 175 -7.87 -3.65 19.91
C ALA A 175 -7.52 -4.23 21.28
N LYS A 176 -7.68 -5.55 21.41
CA LYS A 176 -7.30 -6.25 22.63
C LYS A 176 -5.99 -7.01 22.38
N MET A 177 -5.54 -6.99 21.12
CA MET A 177 -4.31 -7.62 20.68
C MET A 177 -3.68 -6.66 19.68
N ARG A 178 -2.38 -6.39 19.81
CA ARG A 178 -1.68 -5.46 18.92
C ARG A 178 -1.73 -5.80 17.44
N ASP A 179 -1.81 -7.10 17.11
CA ASP A 179 -1.89 -7.49 15.71
C ASP A 179 -3.18 -7.00 15.07
N GLU A 180 -4.19 -6.70 15.88
CA GLU A 180 -5.48 -6.18 15.37
C GLU A 180 -5.29 -4.72 14.98
N THR A 181 -4.42 -4.03 15.72
CA THR A 181 -4.10 -2.64 15.46
C THR A 181 -3.36 -2.59 14.13
N TYR A 182 -2.39 -3.48 13.99
CA TYR A 182 -1.57 -3.57 12.78
C TYR A 182 -2.39 -3.97 11.57
N LYS A 183 -3.18 -5.02 11.72
CA LYS A 183 -4.00 -5.50 10.62
C LYS A 183 -5.02 -4.47 10.19
N ALA A 184 -5.65 -3.78 11.16
CA ALA A 184 -6.64 -2.76 10.84
C ALA A 184 -5.99 -1.65 10.02
N PHE A 185 -4.77 -1.29 10.36
CA PHE A 185 -4.05 -0.26 9.62
C PHE A 185 -3.70 -0.73 8.21
N GLU A 186 -3.24 -1.97 8.10
CA GLU A 186 -2.88 -2.54 6.81
C GLU A 186 -4.08 -2.63 5.89
N ASN A 187 -5.24 -2.92 6.46
CA ASN A 187 -6.47 -3.01 5.68
C ASN A 187 -6.86 -1.63 5.15
N ILE A 188 -6.73 -0.61 5.98
CA ILE A 188 -7.10 0.74 5.60
C ILE A 188 -6.10 1.47 4.68
N TYR A 189 -4.82 1.13 4.81
CA TYR A 189 -3.78 1.77 4.02
C TYR A 189 -4.09 1.94 2.52
N PRO A 190 -4.48 0.85 1.83
CA PRO A 190 -4.78 1.00 0.39
C PRO A 190 -5.96 1.93 0.11
N VAL A 191 -6.89 2.01 1.06
CA VAL A 191 -8.06 2.89 0.94
C VAL A 191 -7.61 4.33 1.10
N LEU A 192 -6.73 4.58 2.06
CA LEU A 192 -6.22 5.92 2.28
C LEU A 192 -5.51 6.41 1.03
N SER A 193 -4.73 5.51 0.40
CA SER A 193 -3.98 5.83 -0.80
C SER A 193 -4.91 6.17 -1.96
N GLU A 194 -5.97 5.39 -2.08
CA GLU A 194 -6.95 5.58 -3.13
C GLU A 194 -7.56 6.97 -3.01
N PHE A 195 -7.69 7.45 -1.77
CA PHE A 195 -8.27 8.74 -1.52
C PHE A 195 -7.28 9.82 -1.09
N ARG A 196 -6.06 9.74 -1.61
CA ARG A 196 -5.04 10.73 -1.29
C ARG A 196 -5.47 12.05 -1.91
N LYS A 197 -5.25 13.13 -1.17
CA LYS A 197 -5.63 14.45 -1.65
C LYS A 197 -4.51 15.04 -2.49
N ILE A 198 -4.80 15.27 -3.76
CA ILE A 198 -3.84 15.83 -4.71
C ILE A 198 -4.03 17.35 -4.78
N VAL B 12 1.28 -7.97 -1.80
CA VAL B 12 1.71 -6.73 -2.50
C VAL B 12 2.53 -5.82 -1.58
N ASP B 13 3.62 -5.32 -2.12
CA ASP B 13 4.49 -4.42 -1.37
C ASP B 13 3.87 -3.04 -1.43
N LEU B 14 3.09 -2.72 -0.39
CA LEU B 14 2.43 -1.42 -0.29
C LEU B 14 3.41 -0.27 -0.17
N SER B 15 4.64 -0.56 0.22
CA SER B 15 5.64 0.49 0.31
C SER B 15 5.93 1.01 -1.08
N LYS B 16 5.83 0.14 -2.09
CA LYS B 16 6.07 0.59 -3.46
C LYS B 16 4.79 0.64 -4.31
N HIS B 17 3.71 0.08 -3.79
CA HIS B 17 2.42 0.11 -4.49
C HIS B 17 1.36 0.42 -3.43
N PRO B 18 1.35 1.66 -2.92
CA PRO B 18 0.38 2.10 -1.91
C PRO B 18 -1.09 1.83 -2.23
N SER B 19 -1.41 1.82 -3.52
CA SER B 19 -2.78 1.54 -3.96
C SER B 19 -3.16 0.08 -3.70
N GLY B 20 -2.15 -0.78 -3.61
CA GLY B 20 -2.40 -2.20 -3.39
C GLY B 20 -2.62 -2.92 -4.71
N ILE B 21 -2.43 -2.21 -5.82
CA ILE B 21 -2.63 -2.78 -7.15
C ILE B 21 -1.34 -2.71 -7.92
N VAL B 22 -0.94 -3.83 -8.54
CA VAL B 22 0.29 -3.88 -9.31
C VAL B 22 0.03 -4.12 -10.79
N PRO B 23 0.36 -3.14 -11.65
CA PRO B 23 0.16 -3.29 -13.10
C PRO B 23 0.91 -4.53 -13.61
N THR B 24 0.30 -5.25 -14.54
CA THR B 24 0.91 -6.44 -15.09
C THR B 24 1.63 -6.03 -16.35
N LEU B 25 2.88 -6.44 -16.50
CA LEU B 25 3.64 -6.11 -17.71
C LEU B 25 3.14 -7.02 -18.83
N GLN B 26 2.79 -6.41 -19.95
CA GLN B 26 2.22 -7.13 -21.08
C GLN B 26 3.08 -7.26 -22.32
N ASN B 27 3.98 -6.30 -22.54
CA ASN B 27 4.81 -6.31 -23.73
C ASN B 27 6.09 -5.52 -23.44
N ILE B 28 7.21 -6.02 -23.92
CA ILE B 28 8.50 -5.37 -23.71
C ILE B 28 9.18 -5.26 -25.06
N VAL B 29 9.67 -4.07 -25.39
CA VAL B 29 10.38 -3.84 -26.65
C VAL B 29 11.82 -3.54 -26.25
N SER B 30 12.78 -4.23 -26.86
CA SER B 30 14.20 -4.00 -26.56
C SER B 30 14.99 -4.00 -27.85
N THR B 31 16.22 -3.50 -27.78
CA THR B 31 17.09 -3.48 -28.96
C THR B 31 18.48 -3.92 -28.53
N VAL B 32 19.23 -4.43 -29.48
CA VAL B 32 20.61 -4.83 -29.23
C VAL B 32 21.39 -4.67 -30.54
N ASN B 33 22.70 -4.54 -30.41
CA ASN B 33 23.56 -4.36 -31.57
C ASN B 33 24.39 -5.63 -31.72
N LEU B 34 24.08 -6.42 -32.74
CA LEU B 34 24.82 -7.66 -32.98
C LEU B 34 26.26 -7.30 -33.39
N ASP B 35 26.46 -6.04 -33.75
CA ASP B 35 27.77 -5.54 -34.10
C ASP B 35 28.49 -6.26 -35.23
N CYS B 36 27.79 -6.45 -36.34
CA CYS B 36 28.34 -7.08 -37.54
C CYS B 36 27.30 -6.93 -38.64
N LYS B 37 27.75 -6.69 -39.86
CA LYS B 37 26.81 -6.52 -40.98
C LYS B 37 26.14 -7.85 -41.24
N LEU B 38 24.87 -7.81 -41.64
CA LEU B 38 24.13 -9.04 -41.89
C LEU B 38 23.62 -9.15 -43.30
N ASP B 39 23.71 -10.35 -43.87
CA ASP B 39 23.22 -10.61 -45.21
C ASP B 39 21.79 -11.13 -45.00
N LEU B 40 20.81 -10.23 -45.14
CA LEU B 40 19.42 -10.57 -44.93
C LEU B 40 18.83 -11.64 -45.84
N LYS B 41 19.11 -11.56 -47.14
CA LYS B 41 18.58 -12.58 -48.07
C LYS B 41 19.13 -13.95 -47.61
N ALA B 42 20.42 -13.99 -47.28
CA ALA B 42 21.03 -15.23 -46.83
C ALA B 42 20.32 -15.75 -45.59
N ILE B 43 20.07 -14.85 -44.64
CA ILE B 43 19.40 -15.24 -43.40
C ILE B 43 18.01 -15.82 -43.67
N ALA B 44 17.24 -15.14 -44.51
CA ALA B 44 15.89 -15.60 -44.83
C ALA B 44 15.88 -16.99 -45.51
N LEU B 45 16.94 -17.29 -46.26
CA LEU B 45 17.02 -18.58 -46.95
C LEU B 45 17.57 -19.69 -46.07
N GLN B 46 18.38 -19.33 -45.07
CA GLN B 46 18.98 -20.34 -44.21
C GLN B 46 18.26 -20.58 -42.89
N ALA B 47 17.60 -19.56 -42.37
CA ALA B 47 16.88 -19.69 -41.11
C ALA B 47 15.57 -20.40 -41.36
N ARG B 48 15.06 -21.10 -40.36
CA ARG B 48 13.79 -21.80 -40.51
C ARG B 48 12.66 -20.83 -40.20
N ASN B 49 11.82 -20.63 -41.20
CA ASN B 49 10.67 -19.76 -41.08
C ASN B 49 11.07 -18.36 -40.67
N ALA B 50 11.69 -17.66 -41.59
CA ALA B 50 12.12 -16.29 -41.36
C ALA B 50 11.44 -15.54 -42.49
N GLU B 51 10.81 -14.42 -42.16
CA GLU B 51 10.12 -13.61 -43.15
C GLU B 51 11.05 -12.49 -43.61
N TYR B 52 10.90 -12.09 -44.86
CA TYR B 52 11.72 -11.03 -45.40
C TYR B 52 11.21 -10.49 -46.72
N ASN B 53 10.55 -9.35 -46.66
CA ASN B 53 10.06 -8.71 -47.87
C ASN B 53 10.60 -7.28 -47.83
N PRO B 54 11.82 -7.08 -48.37
CA PRO B 54 12.50 -5.80 -48.42
C PRO B 54 11.69 -4.68 -49.07
N LYS B 55 10.72 -5.03 -49.89
CA LYS B 55 9.89 -4.03 -50.52
C LYS B 55 8.87 -3.52 -49.49
N ARG B 56 8.58 -4.37 -48.52
CA ARG B 56 7.61 -4.08 -47.47
C ARG B 56 8.29 -3.41 -46.28
N PHE B 57 9.38 -4.02 -45.80
CA PHE B 57 10.12 -3.51 -44.67
C PHE B 57 11.56 -4.00 -44.78
N ALA B 58 12.50 -3.17 -44.31
CA ALA B 58 13.91 -3.50 -44.40
C ALA B 58 14.47 -4.42 -43.31
N ALA B 59 13.80 -5.52 -43.01
CA ALA B 59 14.31 -6.40 -41.97
C ALA B 59 13.77 -7.80 -42.08
N VAL B 60 14.48 -8.75 -41.48
CA VAL B 60 14.02 -10.13 -41.45
C VAL B 60 13.19 -10.26 -40.18
N ILE B 61 11.98 -10.82 -40.32
CA ILE B 61 11.09 -11.04 -39.19
C ILE B 61 11.33 -12.48 -38.78
N MET B 62 11.57 -12.70 -37.50
CA MET B 62 11.84 -14.02 -36.99
C MET B 62 11.09 -14.18 -35.68
N ARG B 63 10.74 -15.41 -35.32
CA ARG B 63 10.01 -15.65 -34.06
C ARG B 63 10.47 -16.91 -33.35
N ILE B 64 10.36 -16.91 -32.03
CA ILE B 64 10.70 -18.08 -31.22
C ILE B 64 9.53 -18.29 -30.25
N ARG B 65 9.34 -19.53 -29.80
CA ARG B 65 8.24 -19.86 -28.88
C ARG B 65 8.48 -19.51 -27.41
N GLU B 66 9.73 -19.62 -26.96
CA GLU B 66 10.06 -19.33 -25.57
C GLU B 66 11.37 -18.57 -25.41
N PRO B 67 11.30 -17.33 -24.90
CA PRO B 67 10.09 -16.62 -24.48
C PRO B 67 9.40 -16.20 -25.77
N LYS B 68 8.08 -16.35 -25.83
CA LYS B 68 7.35 -16.01 -27.03
C LYS B 68 7.62 -14.55 -27.43
N THR B 69 8.35 -14.38 -28.54
CA THR B 69 8.72 -13.06 -29.02
C THR B 69 8.85 -13.01 -30.53
N THR B 70 9.03 -11.81 -31.06
CA THR B 70 9.23 -11.56 -32.50
C THR B 70 10.43 -10.60 -32.60
N ALA B 71 11.37 -10.92 -33.49
CA ALA B 71 12.54 -10.06 -33.66
C ALA B 71 12.52 -9.46 -35.05
N LEU B 72 13.05 -8.23 -35.15
CA LEU B 72 13.17 -7.53 -36.43
C LEU B 72 14.68 -7.37 -36.55
N ILE B 73 15.26 -8.09 -37.50
CA ILE B 73 16.70 -8.09 -37.73
C ILE B 73 17.08 -7.25 -38.95
N PHE B 74 17.99 -6.29 -38.76
CA PHE B 74 18.41 -5.40 -39.84
C PHE B 74 19.80 -5.68 -40.39
N ALA B 75 20.02 -5.31 -41.66
CA ALA B 75 21.31 -5.49 -42.33
C ALA B 75 22.47 -4.85 -41.59
N SER B 76 22.19 -3.81 -40.81
CA SER B 76 23.19 -3.08 -40.05
C SER B 76 23.66 -3.85 -38.82
N GLY B 77 22.94 -4.90 -38.46
CA GLY B 77 23.31 -5.68 -37.28
C GLY B 77 22.44 -5.30 -36.09
N LYS B 78 21.64 -4.26 -36.23
CA LYS B 78 20.76 -3.84 -35.16
C LYS B 78 19.57 -4.81 -35.12
N MET B 79 19.04 -5.06 -33.92
CA MET B 79 17.90 -5.95 -33.76
C MET B 79 16.91 -5.43 -32.73
N VAL B 80 15.64 -5.56 -33.05
CA VAL B 80 14.55 -5.16 -32.17
C VAL B 80 13.87 -6.44 -31.72
N CYS B 81 13.59 -6.55 -30.43
CA CYS B 81 12.92 -7.74 -29.89
C CYS B 81 11.60 -7.28 -29.26
N THR B 82 10.49 -7.90 -29.65
CA THR B 82 9.18 -7.53 -29.13
C THR B 82 8.35 -8.69 -28.61
N GLY B 83 7.35 -8.38 -27.79
CA GLY B 83 6.44 -9.40 -27.27
C GLY B 83 6.67 -10.05 -25.91
N ALA B 84 7.88 -9.98 -25.38
CA ALA B 84 8.18 -10.61 -24.09
C ALA B 84 7.36 -10.00 -22.97
N LYS B 85 7.20 -10.74 -21.88
CA LYS B 85 6.41 -10.27 -20.74
C LYS B 85 7.23 -9.59 -19.64
N SER B 86 8.55 -9.56 -19.78
CA SER B 86 9.40 -8.92 -18.79
C SER B 86 10.72 -8.56 -19.42
N GLU B 87 11.49 -7.76 -18.70
CA GLU B 87 12.79 -7.29 -19.16
C GLU B 87 13.76 -8.47 -19.28
N ASP B 88 13.74 -9.38 -18.30
CA ASP B 88 14.60 -10.56 -18.31
C ASP B 88 14.28 -11.45 -19.49
N PHE B 89 12.98 -11.69 -19.71
CA PHE B 89 12.52 -12.50 -20.82
C PHE B 89 12.89 -11.86 -22.16
N SER B 90 12.76 -10.54 -22.24
CA SER B 90 13.10 -9.83 -23.47
C SER B 90 14.59 -10.01 -23.78
N LYS B 91 15.43 -9.88 -22.76
CA LYS B 91 16.88 -10.04 -22.94
C LYS B 91 17.24 -11.48 -23.32
N MET B 92 16.63 -12.44 -22.63
CA MET B 92 16.90 -13.85 -22.92
C MET B 92 16.51 -14.16 -24.36
N ALA B 93 15.34 -13.65 -24.78
CA ALA B 93 14.87 -13.85 -26.15
C ALA B 93 15.89 -13.28 -27.13
N ALA B 94 16.32 -12.05 -26.87
CA ALA B 94 17.31 -11.39 -27.72
C ALA B 94 18.58 -12.25 -27.82
N ARG B 95 18.99 -12.85 -26.69
CA ARG B 95 20.18 -13.68 -26.71
C ARG B 95 19.97 -14.89 -27.60
N LYS B 96 18.76 -15.43 -27.61
CA LYS B 96 18.47 -16.58 -28.45
C LYS B 96 18.56 -16.21 -29.92
N TYR B 97 18.01 -15.07 -30.32
CA TYR B 97 18.09 -14.64 -31.72
C TYR B 97 19.55 -14.39 -32.11
N ALA B 98 20.34 -13.80 -31.22
CA ALA B 98 21.74 -13.53 -31.50
C ALA B 98 22.48 -14.83 -31.82
N ARG B 99 22.15 -15.88 -31.06
CA ARG B 99 22.74 -17.20 -31.22
C ARG B 99 22.32 -17.82 -32.54
N ILE B 100 21.04 -17.67 -32.89
CA ILE B 100 20.55 -18.19 -34.15
C ILE B 100 21.39 -17.57 -35.28
N VAL B 101 21.56 -16.25 -35.23
CA VAL B 101 22.34 -15.53 -36.25
C VAL B 101 23.78 -16.04 -36.26
N GLN B 102 24.34 -16.26 -35.08
CA GLN B 102 25.70 -16.77 -34.97
C GLN B 102 25.79 -18.11 -35.70
N LYS B 103 24.87 -19.02 -35.36
CA LYS B 103 24.84 -20.34 -35.97
C LYS B 103 24.66 -20.32 -37.48
N LEU B 104 24.22 -19.18 -38.02
CA LEU B 104 24.05 -19.03 -39.46
C LEU B 104 25.36 -18.55 -40.09
N GLY B 105 26.39 -18.43 -39.26
CA GLY B 105 27.68 -18.01 -39.77
C GLY B 105 28.12 -16.57 -39.55
N PHE B 106 27.28 -15.75 -38.95
CA PHE B 106 27.67 -14.36 -38.71
C PHE B 106 28.25 -14.22 -37.32
N PRO B 107 29.33 -13.44 -37.17
CA PRO B 107 30.02 -13.19 -35.89
C PRO B 107 29.23 -12.22 -35.01
N ALA B 108 27.98 -12.58 -34.73
CA ALA B 108 27.11 -11.73 -33.94
C ALA B 108 27.54 -11.62 -32.48
N LYS B 109 27.60 -10.39 -32.00
CA LYS B 109 27.95 -10.07 -30.62
C LYS B 109 26.64 -9.73 -29.92
N PHE B 110 26.73 -9.02 -28.79
CA PHE B 110 25.55 -8.63 -28.04
C PHE B 110 25.86 -7.34 -27.30
N LYS B 111 25.92 -6.24 -28.04
CA LYS B 111 26.25 -4.97 -27.43
C LYS B 111 25.11 -3.99 -27.26
N ASP B 112 25.22 -3.21 -26.19
CA ASP B 112 24.26 -2.18 -25.86
C ASP B 112 22.80 -2.59 -25.83
N PHE B 113 22.53 -3.74 -25.23
CA PHE B 113 21.16 -4.21 -25.08
C PHE B 113 20.45 -3.13 -24.28
N LYS B 114 19.23 -2.78 -24.69
CA LYS B 114 18.50 -1.72 -23.99
C LYS B 114 17.00 -1.92 -24.05
N ILE B 115 16.33 -1.73 -22.91
CA ILE B 115 14.87 -1.84 -22.85
C ILE B 115 14.35 -0.52 -23.40
N GLN B 116 13.60 -0.59 -24.49
CA GLN B 116 13.09 0.61 -25.16
C GLN B 116 11.66 1.01 -24.82
N ASN B 117 10.85 0.05 -24.42
CA ASN B 117 9.46 0.35 -24.07
C ASN B 117 8.86 -0.79 -23.29
N ILE B 118 8.09 -0.42 -22.27
CA ILE B 118 7.40 -1.36 -21.41
C ILE B 118 5.92 -0.99 -21.43
N VAL B 119 5.07 -1.96 -21.73
CA VAL B 119 3.62 -1.76 -21.77
C VAL B 119 2.98 -2.59 -20.65
N GLY B 120 2.16 -1.95 -19.83
CA GLY B 120 1.53 -2.67 -18.75
C GLY B 120 0.04 -2.35 -18.72
N SER B 121 -0.70 -3.07 -17.88
CA SER B 121 -2.12 -2.82 -17.78
C SER B 121 -2.60 -3.20 -16.39
N CYS B 122 -3.67 -2.57 -15.94
CA CYS B 122 -4.26 -2.92 -14.65
C CYS B 122 -5.71 -2.51 -14.61
N ASP B 123 -6.37 -2.83 -13.51
CA ASP B 123 -7.79 -2.57 -13.31
C ASP B 123 -8.00 -1.91 -11.95
N VAL B 124 -8.58 -0.72 -11.92
CA VAL B 124 -8.82 -0.04 -10.64
C VAL B 124 -10.07 -0.57 -9.92
N LYS B 125 -10.83 -1.43 -10.59
CA LYS B 125 -12.02 -2.04 -10.00
C LYS B 125 -13.28 -1.17 -9.82
N PHE B 126 -13.39 -0.12 -10.62
CA PHE B 126 -14.56 0.74 -10.55
C PHE B 126 -14.66 1.50 -11.86
N PRO B 127 -15.91 1.77 -12.33
CA PRO B 127 -16.14 2.50 -13.58
C PRO B 127 -15.71 3.96 -13.45
N ILE B 128 -15.29 4.55 -14.57
CA ILE B 128 -14.78 5.91 -14.58
C ILE B 128 -15.52 6.88 -15.50
N ARG B 129 -15.74 8.10 -14.99
CA ARG B 129 -16.41 9.18 -15.72
C ARG B 129 -15.34 9.90 -16.52
N LEU B 130 -14.97 9.34 -17.66
CA LEU B 130 -13.93 9.88 -18.53
C LEU B 130 -14.14 11.34 -18.89
N GLU B 131 -15.39 11.70 -19.16
CA GLU B 131 -15.74 13.06 -19.54
C GLU B 131 -15.29 14.05 -18.47
N GLY B 132 -15.51 13.68 -17.20
CA GLY B 132 -15.13 14.54 -16.09
C GLY B 132 -13.64 14.65 -15.87
N LEU B 133 -12.94 13.55 -16.16
CA LEU B 133 -11.49 13.49 -16.03
C LEU B 133 -10.86 14.39 -17.08
N ALA B 134 -11.34 14.28 -18.31
CA ALA B 134 -10.82 15.08 -19.43
C ALA B 134 -11.02 16.56 -19.17
N TYR B 135 -12.21 16.91 -18.68
CA TYR B 135 -12.57 18.28 -18.39
C TYR B 135 -11.67 18.91 -17.32
N SER B 136 -11.41 18.18 -16.24
CA SER B 136 -10.56 18.70 -15.17
C SER B 136 -9.08 18.62 -15.50
N HIS B 137 -8.72 17.74 -16.44
CA HIS B 137 -7.32 17.58 -16.84
C HIS B 137 -7.15 17.79 -18.34
N ALA B 138 -7.64 18.92 -18.83
CA ALA B 138 -7.57 19.24 -20.24
C ALA B 138 -6.17 19.21 -20.85
N ALA B 139 -5.19 19.71 -20.09
CA ALA B 139 -3.80 19.74 -20.56
C ALA B 139 -3.15 18.37 -20.69
N PHE B 140 -3.73 17.36 -20.08
CA PHE B 140 -3.17 16.02 -20.13
C PHE B 140 -4.04 15.06 -20.90
N SER B 141 -5.30 15.44 -21.08
CA SER B 141 -6.26 14.57 -21.72
C SER B 141 -6.71 14.83 -23.14
N SER B 142 -7.01 13.73 -23.82
CA SER B 142 -7.55 13.73 -25.17
C SER B 142 -8.59 12.63 -25.10
N TYR B 143 -9.86 13.01 -25.16
CA TYR B 143 -10.94 12.05 -25.09
C TYR B 143 -11.96 12.38 -26.18
N GLU B 144 -11.90 11.62 -27.26
CA GLU B 144 -12.80 11.79 -28.39
C GLU B 144 -13.38 10.40 -28.61
N PRO B 145 -14.42 10.04 -27.83
CA PRO B 145 -15.08 8.74 -27.88
C PRO B 145 -15.55 8.23 -29.24
N GLU B 146 -15.87 9.14 -30.16
CA GLU B 146 -16.32 8.72 -31.49
C GLU B 146 -15.16 8.17 -32.32
N LEU B 147 -13.94 8.54 -31.92
CA LEU B 147 -12.74 8.09 -32.60
C LEU B 147 -12.12 6.89 -31.90
N PHE B 148 -12.02 6.97 -30.56
CA PHE B 148 -11.44 5.89 -29.75
C PHE B 148 -12.16 5.92 -28.40
N PRO B 149 -12.59 4.75 -27.91
CA PRO B 149 -13.29 4.71 -26.62
C PRO B 149 -12.49 5.07 -25.37
N GLY B 150 -11.17 4.99 -25.41
CA GLY B 150 -10.39 5.33 -24.23
C GLY B 150 -9.86 6.74 -24.20
N LEU B 151 -9.71 7.29 -22.98
CA LEU B 151 -9.18 8.63 -22.80
C LEU B 151 -7.65 8.50 -22.83
N ILE B 152 -6.99 9.36 -23.58
CA ILE B 152 -5.53 9.36 -23.69
C ILE B 152 -4.99 10.36 -22.69
N TYR B 153 -4.27 9.86 -21.70
CA TYR B 153 -3.69 10.71 -20.66
C TYR B 153 -2.17 10.78 -20.81
N ARG B 154 -1.68 11.96 -21.18
CA ARG B 154 -0.26 12.12 -21.35
C ARG B 154 0.35 12.73 -20.09
N MET B 155 0.81 11.85 -19.20
CA MET B 155 1.42 12.28 -17.94
C MET B 155 2.81 12.86 -18.22
N LYS B 156 3.18 13.91 -17.49
CA LYS B 156 4.47 14.56 -17.70
C LYS B 156 5.56 14.06 -16.75
N VAL B 157 5.16 13.68 -15.54
CA VAL B 157 6.10 13.18 -14.55
C VAL B 157 5.51 11.95 -13.85
N PRO B 158 5.98 10.74 -14.22
CA PRO B 158 7.01 10.52 -15.24
C PRO B 158 6.35 10.66 -16.59
N LYS B 159 7.15 10.80 -17.65
CA LYS B 159 6.59 10.98 -18.98
C LYS B 159 6.03 9.64 -19.45
N ILE B 160 4.75 9.43 -19.21
CA ILE B 160 4.09 8.16 -19.55
C ILE B 160 2.71 8.43 -20.12
N VAL B 161 2.25 7.56 -21.01
CA VAL B 161 0.91 7.70 -21.59
C VAL B 161 -0.01 6.59 -21.04
N LEU B 162 -1.17 6.97 -20.54
CA LEU B 162 -2.12 6.01 -20.02
C LEU B 162 -3.41 6.07 -20.83
N LEU B 163 -3.93 4.91 -21.19
CA LEU B 163 -5.20 4.83 -21.92
C LEU B 163 -6.19 4.41 -20.84
N ILE B 164 -7.09 5.31 -20.49
CA ILE B 164 -8.07 5.07 -19.44
C ILE B 164 -9.47 4.80 -20.01
N PHE B 165 -10.08 3.70 -19.58
CA PHE B 165 -11.38 3.29 -20.10
C PHE B 165 -12.49 3.38 -19.06
N VAL B 166 -13.74 3.49 -19.52
CA VAL B 166 -14.92 3.58 -18.65
C VAL B 166 -15.01 2.39 -17.68
N SER B 167 -14.60 1.22 -18.17
CA SER B 167 -14.62 0.00 -17.39
C SER B 167 -13.75 0.06 -16.14
N GLY B 168 -12.69 0.86 -16.18
CA GLY B 168 -11.79 0.95 -15.06
C GLY B 168 -10.45 0.31 -15.40
N LYS B 169 -10.36 -0.29 -16.59
CA LYS B 169 -9.12 -0.92 -17.08
C LYS B 169 -8.21 0.19 -17.58
N ILE B 170 -6.91 0.03 -17.37
CA ILE B 170 -5.92 1.04 -17.77
C ILE B 170 -4.76 0.38 -18.52
N VAL B 171 -4.28 1.03 -19.56
CA VAL B 171 -3.09 0.56 -20.29
C VAL B 171 -2.06 1.66 -20.01
N ILE B 172 -0.84 1.27 -19.67
CA ILE B 172 0.21 2.22 -19.33
C ILE B 172 1.41 1.94 -20.25
N THR B 173 1.81 2.95 -21.03
CA THR B 173 2.88 2.74 -21.97
C THR B 173 3.90 3.88 -22.08
N GLY B 174 5.08 3.56 -22.60
CA GLY B 174 6.13 4.56 -22.78
C GLY B 174 7.31 4.45 -21.83
N ALA B 175 7.21 3.57 -20.83
CA ALA B 175 8.28 3.41 -19.84
C ALA B 175 9.51 2.63 -20.29
N LYS B 176 10.66 3.08 -19.82
CA LYS B 176 11.92 2.40 -20.10
C LYS B 176 12.37 1.61 -18.87
N MET B 177 11.72 1.88 -17.74
CA MET B 177 11.98 1.22 -16.46
C MET B 177 10.60 0.91 -15.90
N ARG B 178 10.42 -0.29 -15.35
CA ARG B 178 9.13 -0.67 -14.79
C ARG B 178 8.64 0.22 -13.64
N ASP B 179 9.58 0.82 -12.91
CA ASP B 179 9.20 1.69 -11.82
C ASP B 179 8.46 2.94 -12.33
N GLU B 180 8.64 3.28 -13.60
CA GLU B 180 7.93 4.43 -14.18
C GLU B 180 6.49 4.01 -14.46
N THR B 181 6.30 2.76 -14.86
CA THR B 181 4.98 2.21 -15.11
C THR B 181 4.18 2.27 -13.80
N TYR B 182 4.82 1.84 -12.72
CA TYR B 182 4.20 1.81 -11.39
C TYR B 182 3.91 3.22 -10.88
N LYS B 183 4.89 4.11 -11.02
CA LYS B 183 4.75 5.49 -10.56
C LYS B 183 3.59 6.20 -11.29
N ALA B 184 3.51 5.99 -12.60
CA ALA B 184 2.44 6.57 -13.41
C ALA B 184 1.08 6.09 -12.88
N PHE B 185 0.94 4.79 -12.63
CA PHE B 185 -0.32 4.27 -12.10
C PHE B 185 -0.62 4.83 -10.71
N GLU B 186 0.38 4.83 -9.84
CA GLU B 186 0.19 5.34 -8.49
C GLU B 186 -0.16 6.83 -8.52
N ASN B 187 0.38 7.53 -9.52
CA ASN B 187 0.08 8.95 -9.68
C ASN B 187 -1.36 9.16 -10.11
N ILE B 188 -1.86 8.32 -11.01
CA ILE B 188 -3.22 8.50 -11.51
C ILE B 188 -4.33 7.91 -10.65
N TYR B 189 -4.01 6.89 -9.87
CA TYR B 189 -5.00 6.21 -9.05
C TYR B 189 -5.89 7.13 -8.21
N PRO B 190 -5.30 8.04 -7.39
CA PRO B 190 -6.11 8.94 -6.57
C PRO B 190 -6.87 10.01 -7.38
N VAL B 191 -6.57 10.14 -8.66
CA VAL B 191 -7.27 11.09 -9.51
C VAL B 191 -8.53 10.38 -9.98
N LEU B 192 -8.35 9.16 -10.46
CA LEU B 192 -9.46 8.35 -10.95
C LEU B 192 -10.55 8.13 -9.90
N SER B 193 -10.17 8.01 -8.63
CA SER B 193 -11.15 7.82 -7.56
C SER B 193 -12.07 9.04 -7.44
N GLU B 194 -11.58 10.21 -7.83
CA GLU B 194 -12.38 11.44 -7.79
C GLU B 194 -13.39 11.43 -8.95
N PHE B 195 -13.25 10.49 -9.88
CA PHE B 195 -14.15 10.43 -11.01
C PHE B 195 -14.83 9.09 -11.22
N ARG B 196 -15.07 8.37 -10.13
CA ARG B 196 -15.74 7.07 -10.22
C ARG B 196 -17.13 7.33 -10.80
N LYS B 197 -17.62 6.41 -11.62
CA LYS B 197 -18.94 6.57 -12.24
C LYS B 197 -20.01 5.85 -11.42
#